data_8B97
#
_entry.id   8B97
#
_cell.length_a   52.472
_cell.length_b   61.026
_cell.length_c   44.549
_cell.angle_alpha   90.000
_cell.angle_beta   90.000
_cell.angle_gamma   90.000
#
_symmetry.space_group_name_H-M   'P 21 21 2'
#
loop_
_entity.id
_entity.type
_entity.pdbx_description
1 polymer 'Beta-trefoil domain of the LBL lectin'
2 branched beta-D-galactopyranose-(1-4)-2-acetamido-2-deoxy-beta-D-glucopyranose
3 water water
#
_entity_poly.entity_id   1
_entity_poly.type   'polypeptide(L)'
_entity_poly.pdbx_seq_one_letter_code
;MSNEYNPPLGIAFRLCGLASDRVLFSRVSPSPEVFHHPKSEVYPDQWFVAIPGSGQNAGCYAIKSKNTGKVLFSRMSPDP
RVGHIDGDGKYPDNWFKFEAGSGKYAGYFRLRAVASDTVLVSRTSTGTDTQVINYPATSAKYDDQYFTILFD
;
_entity_poly.pdbx_strand_id   A
#
loop_
_chem_comp.id
_chem_comp.type
_chem_comp.name
_chem_comp.formula
GAL D-saccharide, beta linking beta-D-galactopyranose 'C6 H12 O6'
NAG D-saccharide, beta linking 2-acetamido-2-deoxy-beta-D-glucopyranose 'C8 H15 N O6'
#
# COMPACT_ATOMS: atom_id res chain seq x y z
N SER A 2 -4.55 17.09 8.33
CA SER A 2 -3.43 16.77 9.21
C SER A 2 -2.87 15.40 8.88
N ASN A 3 -1.66 15.14 9.36
CA ASN A 3 -1.03 13.83 9.31
C ASN A 3 -0.72 13.36 7.89
N GLU A 4 -0.49 14.28 6.95
CA GLU A 4 -0.05 13.85 5.63
C GLU A 4 1.41 13.42 5.69
N TYR A 5 1.71 12.26 5.15
CA TYR A 5 3.07 11.79 4.96
C TYR A 5 3.37 11.80 3.47
N ASN A 6 4.57 12.24 3.10
CA ASN A 6 4.98 12.31 1.70
C ASN A 6 6.11 11.33 1.43
N PRO A 7 5.89 10.29 0.63
CA PRO A 7 6.98 9.41 0.27
C PRO A 7 7.92 10.11 -0.70
N PRO A 8 9.17 9.65 -0.76
CA PRO A 8 10.10 10.17 -1.75
C PRO A 8 9.67 9.82 -3.16
N LEU A 9 10.05 10.69 -4.09
CA LEU A 9 9.74 10.53 -5.50
C LEU A 9 11.01 10.14 -6.26
N GLY A 10 10.83 9.44 -7.37
CA GLY A 10 11.95 9.17 -8.25
C GLY A 10 12.94 8.16 -7.73
N ILE A 11 12.53 7.34 -6.76
CA ILE A 11 13.35 6.28 -6.20
C ILE A 11 12.38 5.18 -5.78
N ALA A 12 12.73 3.95 -6.07
CA ALA A 12 11.85 2.86 -5.68
C ALA A 12 12.06 2.46 -4.23
N PHE A 13 10.98 1.98 -3.63
CA PHE A 13 11.00 1.57 -2.23
C PHE A 13 10.17 0.31 -2.05
N ARG A 14 10.40 -0.33 -0.91
CA ARG A 14 9.57 -1.42 -0.43
C ARG A 14 8.66 -0.88 0.68
N LEU A 15 7.47 -1.47 0.81
CA LEU A 15 6.48 -1.11 1.82
C LEU A 15 6.36 -2.27 2.80
N CYS A 16 6.85 -2.07 4.01
CA CYS A 16 6.96 -3.11 5.03
C CYS A 16 5.92 -2.90 6.12
N GLY A 17 5.15 -3.95 6.42
CA GLY A 17 4.18 -3.87 7.49
C GLY A 17 4.81 -3.93 8.87
N LEU A 18 4.34 -3.06 9.76
CA LEU A 18 4.78 -3.05 11.14
C LEU A 18 4.49 -4.38 11.82
N ALA A 19 3.26 -4.87 11.68
CA ALA A 19 2.86 -6.08 12.40
C ALA A 19 3.43 -7.34 11.75
N SER A 20 3.56 -7.34 10.44
CA SER A 20 3.89 -8.55 9.72
C SER A 20 5.38 -8.71 9.47
N ASP A 21 6.14 -7.62 9.45
CA ASP A 21 7.52 -7.66 8.99
C ASP A 21 7.62 -8.25 7.58
N ARG A 22 6.57 -8.03 6.79
CA ARG A 22 6.52 -8.46 5.41
C ARG A 22 6.28 -7.26 4.50
N VAL A 23 6.84 -7.35 3.30
CA VAL A 23 6.75 -6.28 2.30
C VAL A 23 5.72 -6.66 1.24
N LEU A 24 4.97 -5.67 0.79
CA LEU A 24 4.00 -5.88 -0.27
C LEU A 24 4.71 -6.21 -1.57
N PHE A 25 4.00 -6.90 -2.48
CA PHE A 25 4.54 -7.13 -3.80
C PHE A 25 3.43 -7.18 -4.85
N SER A 26 3.87 -7.00 -6.11
CA SER A 26 3.04 -7.04 -7.30
C SER A 26 3.80 -7.82 -8.37
N ARG A 27 3.24 -8.94 -8.82
CA ARG A 27 3.87 -9.78 -9.83
C ARG A 27 2.77 -10.32 -10.73
N VAL A 28 3.11 -10.72 -11.95
CA VAL A 28 2.08 -11.31 -12.80
C VAL A 28 1.96 -12.81 -12.59
N SER A 29 2.97 -13.44 -11.99
CA SER A 29 2.93 -14.87 -11.71
C SER A 29 3.98 -15.14 -10.65
N PRO A 30 3.82 -16.21 -9.88
CA PRO A 30 2.62 -17.05 -9.78
C PRO A 30 1.55 -16.33 -8.96
N SER A 31 0.41 -17.00 -8.80
CA SER A 31 -0.60 -16.53 -7.87
C SER A 31 -0.15 -16.79 -6.43
N PRO A 32 -0.44 -15.89 -5.48
CA PRO A 32 -1.16 -14.62 -5.66
C PRO A 32 -0.29 -13.55 -6.29
N GLU A 33 -0.92 -12.70 -7.10
CA GLU A 33 -0.22 -11.62 -7.77
C GLU A 33 0.12 -10.47 -6.83
N VAL A 34 -0.75 -10.19 -5.87
CA VAL A 34 -0.57 -9.13 -4.89
C VAL A 34 -0.64 -9.79 -3.52
N PHE A 35 0.44 -9.69 -2.75
CA PHE A 35 0.53 -10.35 -1.45
C PHE A 35 1.71 -9.70 -0.72
N HIS A 36 2.30 -10.41 0.22
CA HIS A 36 3.42 -9.87 0.97
C HIS A 36 4.44 -10.98 1.22
N HIS A 37 5.67 -10.58 1.57
CA HIS A 37 6.79 -11.50 1.64
C HIS A 37 7.71 -11.11 2.79
N PRO A 38 8.30 -12.07 3.50
CA PRO A 38 9.24 -11.71 4.57
C PRO A 38 10.31 -10.74 4.10
N LYS A 39 10.53 -9.69 4.89
CA LYS A 39 11.36 -8.57 4.47
C LYS A 39 12.81 -8.95 4.26
N SER A 40 13.29 -10.02 4.86
CA SER A 40 14.70 -10.40 4.70
C SER A 40 15.03 -10.88 3.29
N GLU A 41 14.05 -11.23 2.48
CA GLU A 41 14.29 -11.68 1.12
C GLU A 41 13.80 -10.60 0.16
N VAL A 42 14.74 -9.98 -0.54
CA VAL A 42 14.44 -8.88 -1.46
C VAL A 42 14.27 -9.46 -2.84
N TYR A 43 13.16 -9.13 -3.48
CA TYR A 43 12.84 -9.59 -4.83
C TYR A 43 12.28 -8.44 -5.65
N PRO A 44 12.42 -8.53 -6.97
N PRO A 44 12.40 -8.54 -6.98
CA PRO A 44 12.00 -7.42 -7.85
CA PRO A 44 12.04 -7.41 -7.84
C PRO A 44 10.56 -6.97 -7.67
C PRO A 44 10.57 -7.00 -7.78
N ASP A 45 9.67 -7.91 -7.38
CA ASP A 45 8.26 -7.59 -7.27
C ASP A 45 7.91 -6.75 -6.06
N GLN A 46 8.87 -6.45 -5.20
CA GLN A 46 8.60 -5.67 -3.99
C GLN A 46 8.84 -4.18 -4.15
N TRP A 47 9.24 -3.71 -5.34
CA TRP A 47 9.65 -2.33 -5.52
C TRP A 47 8.54 -1.51 -6.14
N PHE A 48 8.27 -0.37 -5.51
CA PHE A 48 7.21 0.54 -5.92
C PHE A 48 7.76 1.97 -5.98
N VAL A 49 7.10 2.81 -6.77
CA VAL A 49 7.31 4.25 -6.73
C VAL A 49 5.98 4.93 -6.43
N ALA A 50 6.07 6.15 -5.93
CA ALA A 50 4.91 6.95 -5.61
C ALA A 50 4.63 7.95 -6.73
N ILE A 51 3.39 8.01 -7.18
N ILE A 51 3.38 8.04 -7.15
CA ILE A 51 2.96 8.99 -8.18
CA ILE A 51 2.93 8.91 -8.22
C ILE A 51 2.17 10.07 -7.45
C ILE A 51 2.11 10.02 -7.57
N PRO A 52 2.56 11.34 -7.54
N PRO A 52 2.58 11.28 -7.51
CA PRO A 52 1.81 12.39 -6.82
CA PRO A 52 1.81 12.32 -6.84
C PRO A 52 0.50 12.71 -7.49
C PRO A 52 0.47 12.60 -7.51
N GLY A 53 -0.54 12.86 -6.67
CA GLY A 53 -1.85 13.22 -7.17
C GLY A 53 -2.01 14.72 -7.33
N SER A 54 -3.10 15.10 -7.97
CA SER A 54 -3.39 16.50 -8.25
C SER A 54 -4.87 16.75 -7.99
N GLY A 55 -5.22 18.04 -7.92
CA GLY A 55 -6.62 18.39 -7.73
C GLY A 55 -7.13 17.87 -6.41
N GLN A 56 -8.29 17.20 -6.48
CA GLN A 56 -8.87 16.55 -5.33
C GLN A 56 -7.88 15.58 -4.67
N ASN A 57 -6.95 15.03 -5.44
CA ASN A 57 -5.99 14.06 -4.94
C ASN A 57 -4.64 14.66 -4.60
N ALA A 58 -4.54 15.99 -4.55
CA ALA A 58 -3.31 16.60 -4.08
C ALA A 58 -3.02 16.11 -2.66
N GLY A 59 -1.77 15.76 -2.41
CA GLY A 59 -1.41 15.20 -1.13
C GLY A 59 -1.62 13.70 -1.01
N CYS A 60 -2.15 13.06 -2.04
CA CYS A 60 -2.28 11.62 -2.12
C CYS A 60 -1.37 11.09 -3.21
N TYR A 61 -1.18 9.77 -3.23
CA TYR A 61 -0.25 9.13 -4.13
C TYR A 61 -0.83 7.82 -4.64
N ALA A 62 -0.52 7.50 -5.89
CA ALA A 62 -0.71 6.16 -6.39
C ALA A 62 0.58 5.39 -6.17
N ILE A 63 0.45 4.08 -5.97
CA ILE A 63 1.56 3.23 -5.58
C ILE A 63 1.79 2.28 -6.75
N LYS A 64 2.83 2.55 -7.52
CA LYS A 64 3.05 1.93 -8.81
C LYS A 64 4.16 0.90 -8.73
N SER A 65 3.86 -0.32 -9.12
CA SER A 65 4.85 -1.38 -9.16
C SER A 65 5.86 -1.15 -10.28
N LYS A 66 7.15 -1.20 -9.94
CA LYS A 66 8.20 -1.17 -10.96
C LYS A 66 8.32 -2.50 -11.67
N ASN A 67 7.69 -3.56 -11.14
N ASN A 67 7.74 -3.56 -11.11
CA ASN A 67 7.79 -4.91 -11.66
CA ASN A 67 7.80 -4.87 -11.74
C ASN A 67 6.69 -5.25 -12.66
C ASN A 67 6.73 -5.01 -12.81
N THR A 68 5.47 -4.75 -12.44
CA THR A 68 4.36 -5.01 -13.34
C THR A 68 3.83 -3.76 -14.04
N GLY A 69 4.18 -2.58 -13.55
CA GLY A 69 3.60 -1.34 -14.01
C GLY A 69 2.23 -1.05 -13.45
N LYS A 70 1.67 -1.95 -12.66
CA LYS A 70 0.32 -1.76 -12.13
C LYS A 70 0.36 -0.93 -10.85
N VAL A 71 -0.75 -0.26 -10.56
CA VAL A 71 -0.90 0.46 -9.30
C VAL A 71 -1.80 -0.34 -8.37
N LEU A 72 -1.58 -0.18 -7.06
CA LEU A 72 -2.40 -0.85 -6.07
C LEU A 72 -3.79 -0.21 -6.00
N PHE A 73 -4.78 -1.01 -5.59
CA PHE A 73 -6.09 -0.50 -5.29
C PHE A 73 -6.61 -1.09 -3.97
N SER A 74 -7.54 -0.35 -3.37
CA SER A 74 -8.20 -0.79 -2.14
C SER A 74 -9.63 -0.29 -2.16
N ARG A 75 -10.59 -1.21 -2.04
CA ARG A 75 -12.01 -0.88 -2.15
C ARG A 75 -12.81 -1.76 -1.18
N MET A 76 -14.06 -1.38 -0.93
CA MET A 76 -14.88 -2.24 -0.07
C MET A 76 -15.54 -3.37 -0.85
N SER A 77 -15.73 -3.18 -2.15
CA SER A 77 -16.33 -4.15 -3.05
C SER A 77 -16.10 -3.64 -4.46
N PRO A 78 -16.14 -4.53 -5.47
CA PRO A 78 -16.29 -5.98 -5.36
C PRO A 78 -15.02 -6.63 -4.82
N ASP A 79 -15.09 -7.93 -4.66
CA ASP A 79 -13.92 -8.72 -4.35
C ASP A 79 -13.12 -8.93 -5.63
N PRO A 80 -11.79 -9.02 -5.54
CA PRO A 80 -11.01 -8.85 -4.33
C PRO A 80 -10.95 -7.38 -3.91
N ARG A 81 -10.90 -7.16 -2.60
CA ARG A 81 -10.91 -5.80 -2.07
C ARG A 81 -9.58 -5.08 -2.24
N VAL A 82 -8.49 -5.82 -2.39
CA VAL A 82 -7.17 -5.24 -2.62
C VAL A 82 -6.54 -5.96 -3.80
N GLY A 83 -5.82 -5.22 -4.62
CA GLY A 83 -5.18 -5.81 -5.77
C GLY A 83 -4.40 -4.77 -6.52
N HIS A 84 -4.20 -5.02 -7.81
CA HIS A 84 -3.45 -4.10 -8.65
C HIS A 84 -4.14 -4.00 -10.01
N ILE A 85 -3.86 -2.90 -10.72
CA ILE A 85 -4.52 -2.63 -12.00
C ILE A 85 -3.62 -1.74 -12.85
N ASP A 86 -3.71 -1.91 -14.17
CA ASP A 86 -2.91 -1.11 -15.07
C ASP A 86 -3.22 0.37 -14.94
N GLY A 87 -2.21 1.16 -15.28
CA GLY A 87 -2.32 2.60 -15.41
C GLY A 87 -1.47 3.33 -14.40
N ASP A 88 -1.72 4.62 -14.29
CA ASP A 88 -1.00 5.48 -13.39
C ASP A 88 -1.94 6.10 -12.39
N GLY A 89 -3.00 5.37 -12.03
CA GLY A 89 -3.99 5.91 -11.11
C GLY A 89 -5.23 6.42 -11.79
N LYS A 90 -5.78 5.64 -12.74
CA LYS A 90 -6.98 6.01 -13.46
C LYS A 90 -8.24 5.97 -12.61
N TYR A 91 -8.25 5.17 -11.53
CA TYR A 91 -9.44 4.91 -10.74
C TYR A 91 -9.34 5.56 -9.36
N PRO A 92 -10.47 5.98 -8.78
N PRO A 92 -10.47 5.95 -8.79
CA PRO A 92 -10.41 6.65 -7.46
CA PRO A 92 -10.41 6.67 -7.51
C PRO A 92 -9.73 5.82 -6.38
C PRO A 92 -9.87 5.84 -6.35
N ASP A 93 -9.98 4.51 -6.39
CA ASP A 93 -9.45 3.64 -5.35
C ASP A 93 -7.97 3.29 -5.56
N ASN A 94 -7.29 4.01 -6.45
CA ASN A 94 -5.85 3.94 -6.62
C ASN A 94 -5.12 5.03 -5.83
N TRP A 95 -5.85 5.94 -5.18
CA TRP A 95 -5.25 7.13 -4.58
C TRP A 95 -5.21 6.99 -3.07
N PHE A 96 -3.99 7.00 -2.52
CA PHE A 96 -3.77 6.77 -1.12
C PHE A 96 -3.23 8.02 -0.43
N LYS A 97 -3.84 8.37 0.69
CA LYS A 97 -3.21 9.24 1.66
C LYS A 97 -2.31 8.36 2.53
N PHE A 98 -1.01 8.69 2.57
CA PHE A 98 -0.12 8.10 3.55
C PHE A 98 -0.39 8.86 4.84
N GLU A 99 -1.04 8.22 5.81
N GLU A 99 -1.08 8.21 5.78
CA GLU A 99 -1.53 8.87 7.02
CA GLU A 99 -1.51 8.83 7.03
C GLU A 99 -0.52 8.64 8.12
C GLU A 99 -0.42 8.62 8.06
N ALA A 100 0.25 9.69 8.44
CA ALA A 100 1.39 9.57 9.33
C ALA A 100 0.98 9.11 10.72
N GLY A 101 1.74 8.17 11.27
CA GLY A 101 1.57 7.78 12.65
C GLY A 101 2.31 8.68 13.62
N SER A 102 1.91 8.58 14.88
CA SER A 102 2.55 9.27 16.00
C SER A 102 2.83 8.29 17.13
N GLY A 103 3.59 8.74 18.13
CA GLY A 103 3.92 7.88 19.25
C GLY A 103 4.72 6.67 18.81
N LYS A 104 4.24 5.47 19.19
CA LYS A 104 4.91 4.25 18.77
C LYS A 104 4.86 4.05 17.27
N TYR A 105 3.99 4.78 16.57
CA TYR A 105 3.89 4.72 15.12
C TYR A 105 4.68 5.80 14.40
N ALA A 106 5.46 6.61 15.11
CA ALA A 106 6.32 7.57 14.42
C ALA A 106 7.23 6.82 13.46
N GLY A 107 7.35 7.34 12.23
CA GLY A 107 8.08 6.67 11.17
C GLY A 107 7.21 5.83 10.24
N TYR A 108 6.00 5.51 10.67
CA TYR A 108 5.07 4.65 9.95
C TYR A 108 3.87 5.45 9.51
N PHE A 109 3.04 4.81 8.68
CA PHE A 109 1.84 5.45 8.16
C PHE A 109 0.82 4.36 7.84
N ARG A 110 -0.46 4.74 7.82
CA ARG A 110 -1.47 3.92 7.20
C ARG A 110 -1.57 4.30 5.71
N LEU A 111 -2.05 3.38 4.91
CA LEU A 111 -2.27 3.59 3.48
C LEU A 111 -3.78 3.66 3.28
N ARG A 112 -4.30 4.89 3.23
CA ARG A 112 -5.72 5.16 3.30
C ARG A 112 -6.22 5.51 1.90
N ALA A 113 -7.03 4.63 1.33
CA ALA A 113 -7.67 4.89 0.04
C ALA A 113 -8.88 5.76 0.33
N VAL A 114 -8.68 7.06 0.14
CA VAL A 114 -9.65 8.05 0.58
C VAL A 114 -11.02 7.78 -0.04
N ALA A 115 -11.06 7.43 -1.33
CA ALA A 115 -12.33 7.31 -2.03
C ALA A 115 -13.17 6.14 -1.53
N SER A 116 -12.55 5.10 -1.01
CA SER A 116 -13.27 3.93 -0.53
C SER A 116 -13.33 3.86 0.99
N ASP A 117 -12.74 4.81 1.70
CA ASP A 117 -12.75 4.81 3.16
C ASP A 117 -12.17 3.51 3.71
N THR A 118 -11.03 3.08 3.16
CA THR A 118 -10.36 1.87 3.61
C THR A 118 -8.88 2.14 3.84
N VAL A 119 -8.28 1.30 4.68
CA VAL A 119 -6.84 1.27 4.86
C VAL A 119 -6.33 -0.14 4.55
N LEU A 120 -5.11 -0.21 4.00
CA LEU A 120 -4.49 -1.50 3.75
C LEU A 120 -4.09 -2.18 5.06
N VAL A 121 -4.01 -3.52 5.00
CA VAL A 121 -3.66 -4.38 6.12
C VAL A 121 -2.63 -5.39 5.63
N SER A 122 -1.57 -5.58 6.41
CA SER A 122 -0.62 -6.67 6.23
C SER A 122 -0.43 -7.32 7.58
N ARG A 123 -0.83 -8.58 7.70
CA ARG A 123 -0.85 -9.26 8.99
C ARG A 123 -0.47 -10.72 8.81
N THR A 124 -0.17 -11.37 9.93
CA THR A 124 0.09 -12.81 9.95
C THR A 124 -0.87 -13.54 10.88
N SER A 125 -1.92 -12.86 11.36
CA SER A 125 -2.86 -13.37 12.34
C SER A 125 -4.07 -14.07 11.73
N THR A 126 -4.12 -14.18 10.41
CA THR A 126 -5.12 -14.93 9.69
C THR A 126 -4.42 -15.81 8.65
N GLY A 127 -5.19 -16.67 8.00
CA GLY A 127 -4.64 -17.45 6.90
C GLY A 127 -4.24 -16.57 5.73
N THR A 128 -3.41 -17.14 4.85
CA THR A 128 -2.80 -16.33 3.80
C THR A 128 -3.83 -15.71 2.85
N ASP A 129 -5.02 -16.30 2.71
CA ASP A 129 -6.00 -15.72 1.81
C ASP A 129 -6.45 -14.32 2.25
N THR A 130 -6.31 -13.98 3.53
CA THR A 130 -6.77 -12.69 4.05
C THR A 130 -5.68 -11.96 4.84
N GLN A 131 -4.40 -12.28 4.61
CA GLN A 131 -3.32 -11.56 5.29
C GLN A 131 -3.05 -10.18 4.69
N VAL A 132 -3.31 -10.00 3.40
CA VAL A 132 -3.15 -8.70 2.74
C VAL A 132 -4.56 -8.31 2.31
N ILE A 133 -5.12 -7.32 2.98
CA ILE A 133 -6.55 -7.02 2.85
C ILE A 133 -6.72 -5.54 3.19
N ASN A 134 -7.94 -5.13 3.54
CA ASN A 134 -8.16 -3.77 4.00
C ASN A 134 -9.17 -3.80 5.13
N TYR A 135 -9.40 -2.62 5.70
CA TYR A 135 -10.25 -2.43 6.87
C TYR A 135 -10.85 -1.04 6.76
N PRO A 136 -12.04 -0.80 7.33
CA PRO A 136 -12.61 0.55 7.22
C PRO A 136 -11.71 1.57 7.90
N ALA A 137 -11.54 2.72 7.26
CA ALA A 137 -10.53 3.69 7.68
C ALA A 137 -10.96 4.58 8.82
N THR A 138 -12.26 4.67 9.07
CA THR A 138 -12.81 5.57 10.08
C THR A 138 -13.32 4.74 11.25
N SER A 139 -12.51 3.76 11.64
CA SER A 139 -12.83 2.76 12.64
C SER A 139 -11.62 2.57 13.55
N ALA A 140 -11.49 1.38 14.15
CA ALA A 140 -10.36 1.11 15.04
C ALA A 140 -9.07 1.08 14.25
N LYS A 141 -7.98 1.47 14.92
CA LYS A 141 -6.64 1.38 14.36
C LYS A 141 -5.89 0.23 15.01
N TYR A 142 -5.15 -0.52 14.18
CA TYR A 142 -4.38 -1.67 14.62
C TYR A 142 -2.98 -1.58 14.01
N ASP A 143 -2.02 -2.22 14.68
CA ASP A 143 -0.63 -2.21 14.19
C ASP A 143 -0.53 -2.73 12.76
N ASP A 144 -1.39 -3.67 12.37
CA ASP A 144 -1.30 -4.29 11.05
C ASP A 144 -1.79 -3.36 9.93
N GLN A 145 -2.21 -2.16 10.26
CA GLN A 145 -2.52 -1.12 9.28
C GLN A 145 -1.35 -0.19 9.05
N TYR A 146 -0.24 -0.36 9.77
CA TYR A 146 0.89 0.54 9.66
C TYR A 146 2.00 -0.08 8.82
N PHE A 147 2.60 0.78 8.00
CA PHE A 147 3.67 0.44 7.09
C PHE A 147 4.78 1.49 7.20
N THR A 148 5.96 1.11 6.77
CA THR A 148 7.03 2.06 6.55
C THR A 148 7.71 1.76 5.22
N ILE A 149 8.55 2.70 4.83
CA ILE A 149 9.27 2.66 3.56
C ILE A 149 10.69 2.16 3.83
N LEU A 150 11.14 1.21 3.02
CA LEU A 150 12.49 0.68 3.06
C LEU A 150 13.17 0.89 1.70
N PHE A 151 14.48 1.13 1.76
CA PHE A 151 15.31 1.16 0.57
C PHE A 151 16.27 -0.04 0.52
N ASP A 152 16.04 -1.04 1.36
CA ASP A 152 16.77 -2.30 1.34
C ASP A 152 15.99 -3.29 2.20
C1 NAG B . -10.82 -7.45 -13.14
C2 NAG B . -10.08 -6.98 -11.88
C3 NAG B . -10.97 -5.98 -11.12
C4 NAG B . -11.39 -4.82 -12.04
C5 NAG B . -12.10 -5.45 -13.25
C6 NAG B . -12.55 -4.39 -14.24
C7 NAG B . -8.60 -8.31 -10.33
C8 NAG B . -8.39 -9.61 -9.57
N2 NAG B . -9.81 -8.18 -11.10
O1 NAG B . -11.91 -8.24 -12.73
O3 NAG B . -10.26 -5.49 -9.99
O4 NAG B . -12.29 -3.98 -11.37
O5 NAG B . -11.25 -6.36 -13.90
O6 NAG B . -11.46 -3.61 -14.66
O7 NAG B . -7.80 -7.45 -10.29
H1 NAG B . -10.23 -7.97 -13.71
H2 NAG B . -9.26 -6.53 -12.09
H3 NAG B . -11.76 -6.43 -10.81
H4 NAG B . -10.62 -4.31 -12.31
H5 NAG B . -12.88 -5.93 -12.92
H61 NAG B . -13.20 -3.81 -13.81
H62 NAG B . -12.95 -4.82 -15.01
H81 NAG B . -7.92 -10.24 -10.13
H82 NAG B . -7.87 -9.43 -8.77
H83 NAG B . -9.26 -9.98 -9.32
HN2 NAG B . -10.38 -8.81 -11.10
HO1 NAG B . -12.01 -8.89 -13.28
HO3 NAG B . -9.92 -6.14 -9.56
HO6 NAG B . -10.74 -3.95 -14.37
C1 GAL B . -12.02 -2.59 -11.42
C2 GAL B . -13.26 -1.86 -10.92
C3 GAL B . -12.96 -0.36 -10.71
C4 GAL B . -11.75 -0.22 -9.79
C5 GAL B . -10.58 -0.98 -10.43
C6 GAL B . -9.31 -0.97 -9.56
O2 GAL B . -14.34 -2.04 -11.82
O3 GAL B . -14.08 0.32 -10.18
O4 GAL B . -12.08 -0.75 -8.52
O5 GAL B . -10.90 -2.34 -10.60
O6 GAL B . -8.74 0.31 -9.42
H1 GAL B . -11.82 -2.29 -12.32
H2 GAL B . -13.53 -2.24 -10.06
H3 GAL B . -12.76 0.04 -11.57
H4 GAL B . -11.49 0.70 -9.67
H5 GAL B . -10.40 -0.52 -11.26
H61 GAL B . -8.66 -1.56 -9.97
H62 GAL B . -9.54 -1.31 -8.68
HO2 GAL B . -14.60 -2.85 -11.80
HO3 GAL B . -14.79 -0.09 -10.41
HO4 GAL B . -12.88 -0.54 -8.33
HO6 GAL B . -9.20 0.76 -8.86
C1 NAG C . 4.82 -19.14 -0.87
C2 NAG C . 4.29 -17.75 -1.20
C3 NAG C . 4.94 -17.19 -2.47
C4 NAG C . 6.47 -17.27 -2.34
C5 NAG C . 6.85 -18.71 -1.96
C6 NAG C . 8.36 -18.85 -1.78
C7 NAG C . 1.96 -17.78 -0.30
C8 NAG C . 0.47 -17.83 -0.60
N2 NAG C . 2.85 -17.81 -1.42
O1 NAG C . 4.42 -20.01 -1.88
O3 NAG C . 4.53 -15.87 -2.71
O4 NAG C . 7.02 -16.95 -3.59
O5 NAG C . 6.21 -19.10 -0.77
O6 NAG C . 8.82 -17.96 -0.79
O7 NAG C . 2.36 -17.71 0.80
H1 NAG C . 4.47 -19.45 -0.02
H2 NAG C . 4.49 -17.18 -0.44
H3 NAG C . 4.67 -17.74 -3.22
H4 NAG C . 6.80 -16.66 -1.66
H5 NAG C . 6.56 -19.27 -2.70
H61 NAG C . 8.80 -18.65 -2.62
H62 NAG C . 8.56 -19.76 -1.51
H81 NAG C . -0.01 -18.12 0.19
H82 NAG C . 0.16 -16.95 -0.85
H83 NAG C . 0.29 -18.45 -1.33
HN2 NAG C . 2.55 -17.85 -2.22
HO1 NAG C . 3.76 -20.47 -1.61
HO3 NAG C . 4.81 -15.37 -2.08
HO6 NAG C . 9.57 -18.23 -0.49
C1 GAL C . 8.06 -16.00 -3.59
C2 GAL C . 8.76 -16.13 -4.94
C3 GAL C . 9.76 -14.99 -5.11
C4 GAL C . 9.03 -13.67 -4.96
C5 GAL C . 8.40 -13.66 -3.56
C6 GAL C . 7.62 -12.38 -3.28
O2 GAL C . 9.38 -17.40 -5.03
O3 GAL C . 10.38 -15.08 -6.37
O4 GAL C . 8.06 -13.54 -5.96
O5 GAL C . 7.49 -14.73 -3.44
O6 GAL C . 8.49 -11.27 -3.17
H1 GAL C . 8.69 -16.14 -2.87
H2 GAL C . 8.10 -16.06 -5.66
H3 GAL C . 10.46 -15.07 -4.44
H4 GAL C . 9.63 -12.91 -5.05
H5 GAL C . 9.14 -13.74 -2.94
H61 GAL C . 7.13 -12.48 -2.45
H62 GAL C . 7.00 -12.22 -4.00
HO2 GAL C . 10.09 -17.34 -5.49
HO3 GAL C . 11.12 -14.66 -6.35
HO4 GAL C . 7.81 -12.74 -6.01
HO6 GAL C . 8.29 -10.70 -3.77
C1 NAG D . -13.56 -10.06 9.24
C2 NAG D . -12.42 -9.47 8.40
C3 NAG D . -11.16 -9.28 9.24
C4 NAG D . -11.48 -8.47 10.52
C5 NAG D . -12.67 -9.15 11.22
C6 NAG D . -13.11 -8.36 12.44
C7 NAG D . -12.51 -9.99 5.96
C8 NAG D . -12.14 -11.00 4.88
N2 NAG D . -12.12 -10.34 7.29
O1 NAG D . -13.25 -11.34 9.65
O3 NAG D . -10.14 -8.68 8.47
O4 NAG D . -10.35 -8.57 11.35
O5 NAG D . -13.78 -9.27 10.36
O6 NAG D . -13.54 -7.06 12.06
O7 NAG D . -13.07 -8.98 5.72
H1 NAG D . -14.35 -10.09 8.68
H2 NAG D . -12.73 -8.60 8.07
H3 NAG D . -10.84 -10.15 9.52
H4 NAG D . -11.68 -7.54 10.32
H5 NAG D . -12.35 -10.02 11.48
H61 NAG D . -12.37 -8.27 13.06
H62 NAG D . -13.85 -8.81 12.88
H81 NAG D . -11.18 -11.15 4.89
H82 NAG D . -12.60 -11.84 5.05
H83 NAG D . -12.40 -10.66 4.01
HN2 NAG D . -11.71 -11.08 7.44
HO1 NAG D . -13.92 -11.69 10.04
HO3 NAG D . -10.44 -7.96 8.11
HO6 NAG D . -13.94 -7.11 11.31
C1 GAL D . -9.81 -7.40 11.91
C2 GAL D . -9.07 -7.85 13.18
C3 GAL D . -8.04 -6.85 13.68
C4 GAL D . -7.18 -6.37 12.51
C5 GAL D . -8.14 -5.78 11.46
C6 GAL D . -7.41 -5.15 10.28
O2 GAL D . -10.01 -8.07 14.21
O3 GAL D . -7.21 -7.44 14.64
O4 GAL D . -6.45 -7.44 11.95
O5 GAL D . -8.97 -6.81 10.95
O6 GAL D . -6.68 -4.01 10.68
H1 GAL D . -10.46 -6.73 12.15
H2 GAL D . -8.59 -8.66 12.93
H3 GAL D . -8.50 -6.09 14.08
H4 GAL D . -6.54 -5.70 12.80
H5 GAL D . -8.65 -5.10 11.92
H61 GAL D . -8.07 -4.88 9.62
H62 GAL D . -6.80 -5.79 9.89
HO2 GAL D . -10.06 -8.91 14.36
HO3 GAL D . -6.98 -6.86 15.22
HO4 GAL D . -5.75 -7.56 12.42
HO6 GAL D . -5.90 -4.25 10.90
C1 NAG E . -10.75 -7.15 -13.19
C2 NAG E . -10.10 -6.72 -11.86
C3 NAG E . -11.09 -5.80 -11.16
C4 NAG E . -11.41 -4.62 -12.08
C5 NAG E . -11.92 -5.14 -13.42
C6 NAG E . -12.23 -3.99 -14.38
C7 NAG E . -8.72 -7.88 -10.10
C8 NAG E . -8.43 -9.15 -9.30
N2 NAG E . -9.81 -7.90 -11.07
O1 NAG E . -9.92 -8.06 -13.83
O3 NAG E . -10.54 -5.34 -9.95
O4 NAG E . -12.41 -3.84 -11.48
O5 NAG E . -10.96 -6.00 -13.97
O6 NAG E . -11.06 -3.28 -14.69
O7 NAG E . -8.06 -6.91 -9.94
H1 NAG E . -11.61 -7.58 -13.03
H2 NAG E . -9.26 -6.26 -12.01
H3 NAG E . -11.91 -6.28 -10.95
H4 NAG E . -10.62 -4.09 -12.22
H5 NAG E . -12.75 -5.63 -13.28
H61 NAG E . -12.86 -3.39 -13.96
H62 NAG E . -12.61 -4.34 -15.20
H81 NAG E . -9.24 -9.45 -8.87
H82 NAG E . -7.76 -8.95 -8.62
H83 NAG E . -8.10 -9.84 -9.89
HN2 NAG E . -10.27 -8.61 -11.17
HO1 NAG E . -10.34 -8.79 -13.95
HO3 NAG E . -10.06 -4.66 -10.10
HO6 NAG E . -10.41 -3.60 -14.25
C1 GAL E . -12.07 -2.48 -11.42
C2 GAL E . -13.29 -1.71 -10.94
C3 GAL E . -12.95 -0.27 -10.56
C4 GAL E . -11.69 -0.21 -9.71
C5 GAL E . -10.57 -1.02 -10.38
C6 GAL E . -9.32 -1.02 -9.51
O2 GAL E . -14.27 -1.69 -11.96
O3 GAL E . -14.03 0.27 -9.82
O4 GAL E . -11.96 -0.76 -8.44
O5 GAL E . -10.99 -2.35 -10.53
O6 GAL E . -8.77 0.27 -9.40
H1 GAL E . -11.79 -2.13 -12.29
H2 GAL E . -13.64 -2.16 -10.15
H3 GAL E . -12.80 0.24 -11.37
H4 GAL E . -11.40 0.70 -9.62
H5 GAL E . -10.37 -0.61 -11.23
H61 GAL E . -9.54 -1.35 -8.62
H62 GAL E . -8.65 -1.61 -9.91
HO2 GAL E . -15.03 -1.84 -11.62
HO3 GAL E . -14.18 1.06 -10.09
HO4 GAL E . -12.77 -0.58 -8.24
HO6 GAL E . -8.43 0.50 -10.15
C1 NAG F . -13.48 -10.16 9.33
C2 NAG F . -12.42 -9.52 8.45
C3 NAG F . -11.15 -9.31 9.26
C4 NAG F . -11.43 -8.58 10.57
C5 NAG F . -12.65 -9.18 11.27
C6 NAG F . -13.04 -8.27 12.45
C7 NAG F . -12.39 -9.99 5.98
C8 NAG F . -12.11 -10.97 4.84
N2 NAG F . -12.15 -10.42 7.34
O1 NAG F . -14.66 -10.37 8.61
O3 NAG F . -10.22 -8.58 8.49
O4 NAG F . -10.31 -8.75 11.40
O5 NAG F . -13.74 -9.30 10.41
O6 NAG F . -13.30 -6.98 11.99
O7 NAG F . -12.79 -8.90 5.74
H1 NAG F . -13.17 -11.01 9.67
H2 NAG F . -12.72 -8.67 8.10
H3 NAG F . -10.77 -10.18 9.48
H4 NAG F . -11.61 -7.64 10.37
H5 NAG F . -12.41 -10.06 11.59
H61 NAG F . -12.31 -8.24 13.09
H62 NAG F . -13.83 -8.63 12.88
H81 NAG F . -11.16 -11.16 4.80
H82 NAG F . -12.40 -10.58 4.00
H83 NAG F . -12.59 -11.80 5.00
HN2 NAG F . -11.85 -11.21 7.49
HO1 NAG F . -15.06 -9.62 8.51
HO3 NAG F . -10.02 -7.86 8.90
HO6 NAG F . -13.95 -6.99 11.44
C1 GAL F . -9.77 -7.55 11.89
C2 GAL F . -9.00 -7.92 13.17
C3 GAL F . -8.12 -6.77 13.63
C4 GAL F . -7.28 -6.28 12.46
C5 GAL F . -8.22 -5.87 11.34
C6 GAL F . -7.43 -5.30 10.16
O2 GAL F . -9.92 -8.23 14.18
O3 GAL F . -7.29 -7.21 14.68
O4 GAL F . -6.44 -7.31 12.02
O5 GAL F . -8.93 -7.00 10.91
O6 GAL F . -6.80 -4.10 10.55
H1 GAL F . -10.45 -6.89 12.09
H2 GAL F . -8.44 -8.68 12.97
H3 GAL F . -8.67 -6.03 13.96
H4 GAL F . -6.72 -5.53 12.74
H5 GAL F . -8.84 -5.19 11.67
H61 GAL F . -6.76 -5.93 9.88
H62 GAL F . -8.03 -5.12 9.43
HO2 GAL F . -9.50 -8.35 14.91
HO3 GAL F . -7.18 -6.59 15.24
HO4 GAL F . -6.14 -7.74 12.69
HO6 GAL F . -7.22 -3.76 11.20
#